data_4UOM
#
_entry.id   4UOM
#
_cell.length_a   1.000
_cell.length_b   1.000
_cell.length_c   1.000
_cell.angle_alpha   90.00
_cell.angle_beta   90.00
_cell.angle_gamma   90.00
#
_symmetry.space_group_name_H-M   'P 1'
#
loop_
_entity.id
_entity.type
_entity.pdbx_description
1 polymer 'FAB FRAGMENT HEAVY CHAIN'
2 polymer 'FAB FRAGMENT LIGHT CHAIN'
#
loop_
_entity_poly.entity_id
_entity_poly.type
_entity_poly.pdbx_seq_one_letter_code
_entity_poly.pdbx_strand_id
1 'polypeptide(L)'
;EVQLQQSGPELVKPGASVKISCKASGYTFTDYYINWMKQKPGQGLEWIGRIYPGYGNTKYNDKFKGKATLTEDTSSNTAY
MQLNSLTSEDTAVYFCARSLTFFDVWGAGTTVTVSSAKTTPPSVYPLAPGSAAQTNSMVTLGCLVKGYFPEPVTVTWNSG
SLSSGVHTFPAVLQSDLYTLSSSVTVPSSTWPSETVTCNVAHPASSTKVDKKIVPRD
;
H
2 'polypeptide(L)'
;PHSASGPPDQTVTISCSGSSSNIEGNTVNWYQQFPGKAPQLLIYGKDQRPSGVPDRFSASKSGTSASLTISGLQAEDEAD
YYCAAWDDSLNGWVFGGGTKLTVLGAPTVSIFPPSSEQLTSGGASVVCFLNNFYPKDINVKWKIDGSERQNGVLNSWTDQ
DSKDSTYSMSSTLTLTKDEYERHNSYTCEATHKTSTSPIVKSFNR
;
L
#
# COMPACT_ATOMS: atom_id res chain seq x y z
N GLU A 1 -17.79 18.28 5.18
CA GLU A 1 -17.10 17.96 3.91
C GLU A 1 -17.52 16.57 3.39
N VAL A 2 -17.33 16.38 2.09
CA VAL A 2 -17.63 15.10 1.43
C VAL A 2 -16.68 13.99 1.90
N GLN A 3 -17.26 12.83 2.22
CA GLN A 3 -16.51 11.63 2.60
C GLN A 3 -17.27 10.35 2.26
N LEU A 4 -16.48 9.37 1.86
CA LEU A 4 -16.94 7.98 1.65
C LEU A 4 -16.11 7.06 2.56
N GLN A 5 -16.80 6.23 3.31
CA GLN A 5 -16.14 5.28 4.24
C GLN A 5 -16.71 3.86 4.07
N GLN A 6 -15.85 2.97 3.61
CA GLN A 6 -16.22 1.57 3.39
C GLN A 6 -15.97 0.71 4.63
N SER A 7 -16.74 -0.36 4.72
CA SER A 7 -16.64 -1.38 5.79
C SER A 7 -17.41 -2.64 5.34
N GLY A 8 -17.06 -3.74 6.00
CA GLY A 8 -17.58 -5.09 5.65
C GLY A 8 -16.55 -6.04 4.97
N PRO A 9 -15.28 -5.64 4.69
CA PRO A 9 -14.28 -6.52 4.05
C PRO A 9 -13.86 -7.59 5.06
N GLU A 10 -12.87 -8.37 4.61
CA GLU A 10 -12.08 -9.34 5.40
C GLU A 10 -11.86 -10.63 4.60
N LEU A 11 -11.46 -11.65 5.34
CA LEU A 11 -11.32 -13.01 4.84
C LEU A 11 -12.68 -13.65 4.59
N VAL A 12 -12.73 -14.36 3.48
CA VAL A 12 -13.91 -15.14 3.07
C VAL A 12 -13.40 -16.37 2.30
N LYS A 13 -14.03 -17.49 2.54
CA LYS A 13 -13.68 -18.73 1.84
C LYS A 13 -14.29 -18.72 0.42
N PRO A 14 -13.61 -19.34 -0.55
CA PRO A 14 -14.13 -19.46 -1.93
C PRO A 14 -15.53 -20.07 -1.90
N GLY A 15 -16.46 -19.39 -2.58
CA GLY A 15 -17.89 -19.78 -2.56
C GLY A 15 -18.71 -19.05 -1.50
N ALA A 16 -18.02 -18.52 -0.48
CA ALA A 16 -18.70 -17.77 0.59
C ALA A 16 -19.14 -16.38 0.12
N SER A 17 -19.80 -15.67 1.03
CA SER A 17 -20.43 -14.37 0.75
C SER A 17 -19.94 -13.29 1.70
N VAL A 18 -19.96 -12.06 1.21
CA VAL A 18 -19.57 -10.85 1.97
C VAL A 18 -20.44 -9.68 1.51
N LYS A 19 -20.70 -8.76 2.44
CA LYS A 19 -21.49 -7.56 2.15
C LYS A 19 -20.73 -6.32 2.59
N ILE A 20 -20.32 -5.55 1.59
CA ILE A 20 -19.62 -4.27 1.85
C ILE A 20 -20.65 -3.13 1.89
N SER A 21 -20.40 -2.18 2.75
CA SER A 21 -21.21 -0.95 2.85
C SER A 21 -20.29 0.26 2.71
N CYS A 22 -20.85 1.31 2.13
CA CYS A 22 -20.19 2.62 2.08
C CYS A 22 -21.11 3.65 2.72
N LYS A 23 -20.51 4.43 3.61
CA LYS A 23 -21.23 5.50 4.31
C LYS A 23 -20.78 6.85 3.78
N ALA A 24 -21.72 7.53 3.16
CA ALA A 24 -21.48 8.85 2.54
C ALA A 24 -21.95 9.98 3.46
N SER A 25 -21.21 11.07 3.39
CA SER A 25 -21.48 12.28 4.20
C SER A 25 -20.84 13.50 3.55
N GLY A 26 -21.54 14.62 3.69
CA GLY A 26 -21.05 15.93 3.21
C GLY A 26 -21.61 16.34 1.85
N TYR A 27 -22.63 15.62 1.39
CA TYR A 27 -23.33 15.91 0.13
C TYR A 27 -24.66 15.14 0.06
N THR A 28 -25.55 15.66 -0.77
CA THR A 28 -26.88 15.05 -0.99
C THR A 28 -26.68 13.75 -1.77
N PHE A 29 -26.68 12.66 -1.01
CA PHE A 29 -26.35 11.32 -1.51
C PHE A 29 -27.27 10.83 -2.64
N THR A 30 -28.55 11.13 -2.49
CA THR A 30 -29.59 10.71 -3.46
C THR A 30 -29.35 11.25 -4.88
N ASP A 31 -28.63 12.36 -4.97
CA ASP A 31 -28.39 13.05 -6.25
C ASP A 31 -27.37 12.35 -7.16
N TYR A 32 -26.50 11.53 -6.57
CA TYR A 32 -25.33 11.03 -7.31
C TYR A 32 -25.40 9.55 -7.66
N TYR A 33 -24.86 9.26 -8.84
CA TYR A 33 -24.66 7.89 -9.32
C TYR A 33 -23.37 7.38 -8.68
N ILE A 34 -23.49 6.23 -8.05
CA ILE A 34 -22.36 5.68 -7.25
C ILE A 34 -21.89 4.35 -7.85
N ASN A 35 -20.60 4.09 -7.67
CA ASN A 35 -19.94 2.89 -8.21
C ASN A 35 -19.02 2.21 -7.19
N TRP A 36 -18.71 0.97 -7.50
CA TRP A 36 -17.61 0.24 -6.86
C TRP A 36 -16.53 -0.06 -7.91
N MET A 37 -15.31 0.27 -7.52
CA MET A 37 -14.10 0.00 -8.31
C MET A 37 -13.18 -0.86 -7.44
N LYS A 38 -12.61 -1.89 -8.04
CA LYS A 38 -11.73 -2.81 -7.31
C LYS A 38 -10.32 -2.78 -7.88
N GLN A 39 -9.39 -3.20 -7.04
CA GLN A 39 -7.97 -3.29 -7.41
C GLN A 39 -7.31 -4.49 -6.75
N LYS A 40 -7.13 -5.54 -7.56
CA LYS A 40 -6.45 -6.77 -7.12
C LYS A 40 -4.98 -6.44 -6.76
N PRO A 41 -4.41 -7.13 -5.75
CA PRO A 41 -3.03 -6.89 -5.28
C PRO A 41 -2.04 -6.78 -6.45
N GLY A 42 -1.35 -5.63 -6.45
CA GLY A 42 -0.33 -5.30 -7.46
C GLY A 42 -0.86 -5.15 -8.90
N GLN A 43 -2.17 -5.03 -9.06
CA GLN A 43 -2.79 -4.85 -10.37
C GLN A 43 -3.45 -3.47 -10.50
N GLY A 44 -4.20 -3.30 -11.60
CA GLY A 44 -4.83 -2.03 -11.95
C GLY A 44 -6.29 -1.94 -11.49
N LEU A 45 -6.85 -0.75 -11.69
CA LEU A 45 -8.24 -0.45 -11.36
C LEU A 45 -9.21 -1.17 -12.32
N GLU A 46 -10.31 -1.65 -11.76
CA GLU A 46 -11.35 -2.37 -12.53
C GLU A 46 -12.77 -2.04 -12.03
N TRP A 47 -13.55 -1.44 -12.92
CA TRP A 47 -14.95 -1.10 -12.60
C TRP A 47 -15.73 -2.39 -12.33
N ILE A 48 -16.60 -2.32 -11.33
CA ILE A 48 -17.35 -3.51 -10.90
C ILE A 48 -18.85 -3.36 -11.14
N GLY A 49 -19.40 -2.24 -10.65
CA GLY A 49 -20.85 -2.03 -10.67
C GLY A 49 -21.21 -0.58 -10.37
N ARG A 50 -22.32 -0.19 -10.98
CA ARG A 50 -22.90 1.15 -10.84
C ARG A 50 -24.38 1.12 -10.49
N ILE A 51 -24.79 2.11 -9.71
CA ILE A 51 -26.21 2.34 -9.42
C ILE A 51 -26.50 3.84 -9.56
N TYR A 52 -27.45 4.09 -10.43
CA TYR A 52 -27.91 5.45 -10.67
C TYR A 52 -29.26 5.69 -10.00
N PRO A 53 -29.44 6.87 -9.40
CA PRO A 53 -30.72 7.32 -8.82
C PRO A 53 -31.76 7.59 -9.90
N GLY A 54 -32.14 6.50 -10.57
CA GLY A 54 -33.20 6.53 -11.60
C GLY A 54 -34.39 5.72 -11.11
N TYR A 55 -35.08 5.15 -12.09
CA TYR A 55 -36.26 4.30 -11.81
C TYR A 55 -35.88 2.84 -11.58
N GLY A 56 -34.75 2.47 -12.20
CA GLY A 56 -34.20 1.11 -12.16
C GLY A 56 -33.07 1.16 -11.13
N ASN A 57 -31.99 0.45 -11.40
CA ASN A 57 -30.96 0.48 -10.42
C ASN A 57 -29.41 0.08 -10.67
N THR A 58 -29.09 -0.43 -11.97
CA THR A 58 -27.70 -1.07 -11.90
C THR A 58 -27.08 -1.49 -13.23
N LYS A 59 -25.75 -1.53 -13.17
CA LYS A 59 -24.88 -2.11 -14.21
C LYS A 59 -23.75 -2.88 -13.52
N TYR A 60 -23.32 -3.95 -14.18
CA TYR A 60 -22.32 -4.87 -13.60
C TYR A 60 -21.26 -5.25 -14.63
N ASN A 61 -20.05 -5.46 -14.12
CA ASN A 61 -18.98 -6.11 -14.91
C ASN A 61 -19.48 -7.53 -15.22
N ASP A 62 -19.19 -8.02 -16.42
CA ASP A 62 -19.72 -9.32 -16.86
C ASP A 62 -19.37 -10.47 -15.92
N LYS A 63 -18.14 -10.45 -15.42
CA LYS A 63 -17.64 -11.54 -14.56
C LYS A 63 -18.36 -11.64 -13.20
N PHE A 64 -19.06 -10.58 -12.82
CA PHE A 64 -19.69 -10.47 -11.49
C PHE A 64 -21.22 -10.50 -11.59
N LYS A 65 -21.69 -10.49 -12.83
CA LYS A 65 -23.13 -10.57 -13.16
C LYS A 65 -23.67 -11.89 -12.59
N GLY A 66 -24.66 -11.74 -11.71
CA GLY A 66 -25.32 -12.90 -11.08
C GLY A 66 -24.75 -13.26 -9.71
N LYS A 67 -23.54 -12.80 -9.41
CA LYS A 67 -22.87 -13.06 -8.12
C LYS A 67 -22.89 -11.84 -7.20
N ALA A 68 -22.75 -10.66 -7.79
CA ALA A 68 -22.74 -9.38 -7.06
C ALA A 68 -24.03 -8.61 -7.30
N THR A 69 -24.48 -7.96 -6.23
CA THR A 69 -25.66 -7.07 -6.27
C THR A 69 -25.26 -5.73 -5.63
N LEU A 70 -25.45 -4.68 -6.41
CA LEU A 70 -25.22 -3.31 -5.94
C LEU A 70 -26.56 -2.63 -5.62
N THR A 71 -26.63 -2.07 -4.42
CA THR A 71 -27.85 -1.41 -3.92
C THR A 71 -27.50 -0.19 -3.08
N GLU A 72 -28.50 0.62 -2.77
CA GLU A 72 -28.33 1.80 -1.91
C GLU A 72 -29.54 2.01 -1.00
N ASP A 73 -29.26 2.62 0.14
CA ASP A 73 -30.28 3.07 1.08
C ASP A 73 -30.11 4.58 1.25
N THR A 74 -30.90 5.31 0.47
CA THR A 74 -30.84 6.78 0.43
C THR A 74 -31.18 7.45 1.78
N SER A 75 -31.97 6.76 2.60
CA SER A 75 -32.35 7.26 3.93
C SER A 75 -31.21 7.17 4.95
N SER A 76 -30.32 6.21 4.71
CA SER A 76 -29.13 6.00 5.56
C SER A 76 -27.85 6.53 4.90
N ASN A 77 -27.98 7.10 3.70
CA ASN A 77 -26.83 7.62 2.93
C ASN A 77 -25.75 6.56 2.72
N THR A 78 -26.21 5.34 2.42
CA THR A 78 -25.32 4.18 2.32
C THR A 78 -25.47 3.51 0.96
N ALA A 79 -24.32 3.09 0.46
CA ALA A 79 -24.20 2.23 -0.73
C ALA A 79 -23.78 0.83 -0.28
N TYR A 80 -24.27 -0.19 -0.97
CA TYR A 80 -23.98 -1.59 -0.59
C TYR A 80 -23.50 -2.38 -1.79
N MET A 81 -22.65 -3.36 -1.55
CA MET A 81 -22.30 -4.37 -2.55
C MET A 81 -22.31 -5.77 -1.91
N GLN A 82 -23.32 -6.52 -2.33
CA GLN A 82 -23.51 -7.92 -1.92
C GLN A 82 -22.72 -8.83 -2.86
N LEU A 83 -21.80 -9.58 -2.28
CA LEU A 83 -20.92 -10.48 -3.04
C LEU A 83 -21.12 -11.93 -2.61
N ASN A 84 -21.61 -12.71 -3.57
CA ASN A 84 -21.86 -14.16 -3.37
C ASN A 84 -20.99 -14.95 -4.35
N SER A 85 -20.75 -16.20 -4.00
CA SER A 85 -20.00 -17.15 -4.88
C SER A 85 -18.60 -16.60 -5.19
N LEU A 86 -17.99 -16.00 -4.16
CA LEU A 86 -16.68 -15.35 -4.30
C LEU A 86 -15.61 -16.33 -4.76
N THR A 87 -14.82 -15.84 -5.69
CA THR A 87 -13.72 -16.61 -6.29
C THR A 87 -12.40 -15.94 -5.87
N SER A 88 -11.30 -16.67 -6.05
CA SER A 88 -9.95 -16.15 -5.75
C SER A 88 -9.62 -14.88 -6.55
N GLU A 89 -10.21 -14.80 -7.75
CA GLU A 89 -10.07 -13.63 -8.64
C GLU A 89 -10.75 -12.36 -8.08
N ASP A 90 -11.63 -12.56 -7.09
CA ASP A 90 -12.35 -11.45 -6.44
C ASP A 90 -11.55 -10.75 -5.34
N THR A 91 -10.45 -11.36 -4.91
CA THR A 91 -9.57 -10.75 -3.89
C THR A 91 -9.04 -9.43 -4.44
N ALA A 92 -9.31 -8.37 -3.67
CA ALA A 92 -8.82 -7.02 -3.96
C ALA A 92 -9.39 -5.96 -3.03
N VAL A 93 -8.84 -4.76 -3.18
CA VAL A 93 -9.34 -3.58 -2.45
C VAL A 93 -10.54 -3.05 -3.23
N TYR A 94 -11.66 -2.92 -2.52
CA TYR A 94 -12.91 -2.39 -3.10
C TYR A 94 -13.11 -0.95 -2.65
N PHE A 95 -13.26 -0.09 -3.65
CA PHE A 95 -13.45 1.35 -3.45
C PHE A 95 -14.87 1.74 -3.87
N CYS A 96 -15.47 2.53 -3.00
CA CYS A 96 -16.71 3.23 -3.35
C CYS A 96 -16.34 4.60 -3.91
N ALA A 97 -17.01 4.95 -5.00
CA ALA A 97 -16.78 6.23 -5.67
C ALA A 97 -18.10 6.95 -5.89
N ARG A 98 -18.01 8.28 -5.84
CA ARG A 98 -19.16 9.10 -6.20
C ARG A 98 -18.79 9.95 -7.42
N SER A 99 -18.76 9.32 -8.57
CA SER A 99 -18.55 10.04 -9.82
C SER A 99 -19.63 11.04 -10.20
N LEU A 100 -19.19 12.06 -10.95
CA LEU A 100 -20.07 12.99 -11.64
C LEU A 100 -19.98 12.77 -13.17
N THR A 101 -18.82 12.30 -13.63
CA THR A 101 -18.64 11.91 -15.05
C THR A 101 -17.95 10.53 -15.21
N PHE A 102 -16.98 10.05 -14.41
CA PHE A 102 -15.94 10.71 -13.56
C PHE A 102 -16.03 10.58 -12.06
N PHE A 103 -15.18 9.74 -11.55
CA PHE A 103 -15.09 9.45 -10.10
C PHE A 103 -14.37 10.57 -9.34
N ASP A 104 -15.14 11.56 -8.88
CA ASP A 104 -14.55 12.73 -8.21
C ASP A 104 -14.23 12.52 -6.72
N VAL A 105 -14.87 11.54 -6.09
CA VAL A 105 -14.65 11.23 -4.66
C VAL A 105 -14.54 9.71 -4.50
N TRP A 106 -13.49 9.31 -3.77
CA TRP A 106 -13.21 7.89 -3.51
C TRP A 106 -13.17 7.62 -2.03
N GLY A 107 -13.64 6.42 -1.67
CA GLY A 107 -13.44 5.93 -0.30
C GLY A 107 -12.01 5.47 -0.11
N ALA A 108 -11.65 5.24 1.14
CA ALA A 108 -10.29 4.76 1.50
C ALA A 108 -10.01 3.35 0.97
N GLY A 109 -11.10 2.60 0.76
CA GLY A 109 -11.04 1.23 0.26
C GLY A 109 -10.97 0.23 1.40
N THR A 110 -11.48 -0.94 1.06
CA THR A 110 -11.55 -2.05 1.98
C THR A 110 -11.07 -3.33 1.31
N THR A 111 -10.18 -4.05 1.99
CA THR A 111 -9.56 -5.25 1.40
C THR A 111 -10.44 -6.50 1.62
N VAL A 112 -10.72 -7.19 0.52
CA VAL A 112 -11.45 -8.47 0.57
C VAL A 112 -10.49 -9.56 0.10
N THR A 113 -10.27 -10.52 1.00
CA THR A 113 -9.37 -11.65 0.74
C THR A 113 -10.20 -12.94 0.69
N VAL A 114 -10.20 -13.56 -0.49
CA VAL A 114 -10.90 -14.83 -0.71
C VAL A 114 -9.86 -15.95 -0.65
N SER A 115 -9.84 -16.65 0.47
CA SER A 115 -8.82 -17.68 0.77
C SER A 115 -9.32 -18.67 1.82
N SER A 116 -8.83 -19.90 1.67
CA SER A 116 -9.13 -21.00 2.60
C SER A 116 -8.36 -20.89 3.92
N ALA A 117 -7.20 -20.22 3.87
CA ALA A 117 -6.33 -20.03 5.05
C ALA A 117 -7.11 -19.39 6.21
N LYS A 118 -6.73 -19.80 7.41
CA LYS A 118 -7.37 -19.31 8.63
C LYS A 118 -6.81 -17.95 9.08
N THR A 119 -7.68 -17.19 9.74
CA THR A 119 -7.28 -15.94 10.43
C THR A 119 -6.26 -16.30 11.51
N THR A 120 -5.14 -15.60 11.48
CA THR A 120 -4.07 -15.76 12.47
C THR A 120 -3.60 -14.38 12.95
N PRO A 121 -3.75 -14.11 14.25
CA PRO A 121 -3.30 -12.85 14.86
C PRO A 121 -1.77 -12.74 14.79
N PRO A 122 -1.27 -11.51 14.68
CA PRO A 122 0.17 -11.23 14.61
C PRO A 122 0.82 -11.34 15.99
N SER A 123 2.03 -11.86 16.01
CA SER A 123 2.94 -11.72 17.16
C SER A 123 3.77 -10.47 16.93
N VAL A 124 3.71 -9.56 17.91
CA VAL A 124 4.39 -8.26 17.79
C VAL A 124 5.56 -8.23 18.76
N TYR A 125 6.73 -8.01 18.19
CA TYR A 125 7.99 -7.98 18.95
C TYR A 125 8.63 -6.60 18.86
N PRO A 126 8.95 -6.02 20.04
CA PRO A 126 9.63 -4.72 20.13
C PRO A 126 11.10 -4.91 19.71
N LEU A 127 11.56 -4.00 18.85
CA LEU A 127 12.94 -4.06 18.36
C LEU A 127 13.76 -2.90 18.92
N ALA A 128 14.45 -3.21 20.00
CA ALA A 128 15.35 -2.27 20.66
C ALA A 128 16.79 -2.51 20.15
N PRO A 129 17.61 -1.46 20.06
CA PRO A 129 18.99 -1.56 19.56
C PRO A 129 19.77 -2.57 20.40
N GLY A 130 20.57 -3.38 19.69
CA GLY A 130 21.41 -4.40 20.34
C GLY A 130 22.89 -4.01 20.31
N SER A 131 23.13 -2.72 20.04
CA SER A 131 24.47 -2.11 20.03
C SER A 131 24.36 -0.70 20.62
N ALA A 132 25.43 -0.31 21.29
CA ALA A 132 25.55 1.04 21.87
C ALA A 132 26.27 2.01 20.92
N ALA A 133 26.71 1.47 19.78
CA ALA A 133 27.38 2.26 18.71
C ALA A 133 26.44 3.34 18.15
N GLN A 134 25.15 3.01 18.09
CA GLN A 134 24.10 3.94 17.62
C GLN A 134 23.42 4.62 18.82
N THR A 135 24.11 5.62 19.33
CA THR A 135 23.61 6.38 20.47
C THR A 135 23.57 7.84 20.06
N ASN A 136 22.98 8.64 20.91
CA ASN A 136 22.96 10.09 20.66
C ASN A 136 22.36 10.32 19.21
N SER A 137 22.79 11.34 18.59
CA SER A 137 22.19 11.90 17.33
C SER A 137 20.75 11.39 17.09
N MET A 138 20.64 10.30 16.36
CA MET A 138 19.37 9.63 16.04
C MET A 138 19.44 8.14 16.35
N VAL A 139 18.45 7.69 17.11
CA VAL A 139 18.24 6.28 17.44
C VAL A 139 17.09 5.72 16.58
N THR A 140 17.31 4.51 16.07
CA THR A 140 16.28 3.82 15.29
C THR A 140 15.75 2.65 16.13
N LEU A 141 14.44 2.61 16.20
CA LEU A 141 13.68 1.55 16.89
C LEU A 141 12.87 0.78 15.85
N GLY A 142 12.58 -0.47 16.18
CA GLY A 142 11.82 -1.32 15.25
C GLY A 142 10.62 -2.00 15.92
N CYS A 143 9.68 -2.35 15.05
CA CYS A 143 8.53 -3.20 15.41
C CYS A 143 8.44 -4.33 14.38
N LEU A 144 8.45 -5.55 14.90
CA LEU A 144 8.29 -6.74 14.07
C LEU A 144 6.89 -7.35 14.30
N VAL A 145 6.14 -7.41 13.21
CA VAL A 145 4.75 -7.91 13.20
C VAL A 145 4.73 -9.19 12.37
N LYS A 146 4.69 -10.31 13.08
CA LYS A 146 4.96 -11.61 12.46
C LYS A 146 3.82 -12.63 12.58
N GLY A 147 3.66 -13.37 11.47
CA GLY A 147 2.79 -14.55 11.39
C GLY A 147 1.29 -14.25 11.51
N TYR A 148 0.82 -13.31 10.70
CA TYR A 148 -0.61 -12.97 10.66
C TYR A 148 -1.22 -13.25 9.29
N PHE A 149 -2.55 -13.35 9.29
CA PHE A 149 -3.35 -13.55 8.08
C PHE A 149 -4.82 -13.28 8.41
N PRO A 150 -5.53 -12.59 7.52
CA PRO A 150 -5.00 -12.01 6.27
C PRO A 150 -4.47 -10.59 6.52
N GLU A 151 -3.99 -9.96 5.46
CA GLU A 151 -3.82 -8.49 5.44
C GLU A 151 -5.21 -7.84 5.68
N PRO A 152 -5.21 -6.58 6.13
CA PRO A 152 -4.02 -5.78 6.45
C PRO A 152 -3.83 -5.69 7.97
N VAL A 153 -2.65 -5.20 8.33
CA VAL A 153 -2.41 -4.67 9.67
C VAL A 153 -2.15 -3.16 9.55
N THR A 154 -2.41 -2.44 10.63
CA THR A 154 -2.08 -1.02 10.73
C THR A 154 -0.99 -0.84 11.77
N VAL A 155 0.03 -0.09 11.38
CA VAL A 155 1.16 0.23 12.28
C VAL A 155 1.29 1.75 12.41
N THR A 156 1.23 2.19 13.66
CA THR A 156 1.50 3.58 14.03
C THR A 156 2.51 3.61 15.19
N TRP A 157 3.18 4.73 15.34
CA TRP A 157 4.13 4.93 16.46
C TRP A 157 3.63 6.06 17.38
N ASN A 158 3.39 5.69 18.63
CA ASN A 158 2.83 6.59 19.65
C ASN A 158 1.44 7.13 19.29
N SER A 159 0.60 6.21 18.83
CA SER A 159 -0.80 6.48 18.44
C SER A 159 -0.92 7.53 17.32
N GLY A 160 0.16 7.68 16.55
CA GLY A 160 0.16 8.62 15.40
C GLY A 160 1.02 9.88 15.59
N SER A 161 1.32 10.24 16.84
CA SER A 161 2.13 11.46 17.12
C SER A 161 3.53 11.39 16.47
N LEU A 162 4.04 10.17 16.36
CA LEU A 162 5.31 9.91 15.68
C LEU A 162 5.01 9.50 14.24
N SER A 163 5.09 10.48 13.35
CA SER A 163 4.72 10.30 11.94
C SER A 163 5.93 10.36 11.00
N SER A 164 6.78 11.35 11.23
CA SER A 164 7.98 11.57 10.43
C SER A 164 9.07 10.57 10.83
N GLY A 165 9.87 10.20 9.82
CA GLY A 165 10.99 9.27 9.99
C GLY A 165 10.52 7.83 10.28
N VAL A 166 9.37 7.50 9.68
CA VAL A 166 8.79 6.15 9.79
C VAL A 166 8.82 5.49 8.41
N HIS A 167 9.34 4.27 8.42
CA HIS A 167 9.29 3.36 7.27
C HIS A 167 8.60 2.06 7.65
N THR A 168 7.38 1.89 7.14
CA THR A 168 6.61 0.65 7.34
C THR A 168 6.67 -0.14 6.03
N PHE A 169 7.41 -1.22 6.09
CA PHE A 169 7.68 -2.07 4.93
C PHE A 169 6.47 -2.95 4.59
N PRO A 170 6.18 -3.11 3.29
CA PRO A 170 5.11 -3.99 2.82
C PRO A 170 5.40 -5.43 3.29
N ALA A 171 4.32 -6.09 3.69
CA ALA A 171 4.40 -7.46 4.25
C ALA A 171 4.86 -8.47 3.19
N VAL A 172 5.54 -9.50 3.69
CA VAL A 172 5.94 -10.65 2.87
C VAL A 172 5.10 -11.85 3.34
N LEU A 173 4.61 -12.59 2.35
CA LEU A 173 3.83 -13.81 2.61
C LEU A 173 4.74 -15.04 2.54
N GLN A 174 4.53 -15.93 3.50
CA GLN A 174 5.29 -17.19 3.59
C GLN A 174 4.49 -18.23 4.38
N SER A 175 4.03 -19.24 3.64
CA SER A 175 3.22 -20.35 4.20
C SER A 175 1.92 -19.82 4.84
N ASP A 176 1.24 -18.97 4.07
CA ASP A 176 -0.08 -18.40 4.45
C ASP A 176 0.00 -17.49 5.70
N LEU A 177 1.21 -17.03 6.01
CA LEU A 177 1.42 -16.05 7.08
C LEU A 177 2.26 -14.87 6.57
N TYR A 178 1.76 -13.69 6.90
CA TYR A 178 2.45 -12.43 6.57
C TYR A 178 3.32 -11.97 7.74
N THR A 179 4.43 -11.38 7.36
CA THR A 179 5.32 -10.67 8.31
C THR A 179 5.70 -9.33 7.68
N LEU A 180 5.64 -8.29 8.51
CA LEU A 180 6.17 -6.99 8.13
C LEU A 180 6.97 -6.42 9.31
N SER A 181 7.73 -5.37 8.99
CA SER A 181 8.45 -4.58 10.00
C SER A 181 8.24 -3.08 9.75
N SER A 182 8.42 -2.31 10.81
CA SER A 182 8.39 -0.84 10.74
C SER A 182 9.52 -0.30 11.59
N SER A 183 10.29 0.60 10.99
CA SER A 183 11.35 1.33 11.71
C SER A 183 10.90 2.76 11.97
N VAL A 184 11.41 3.30 13.07
CA VAL A 184 11.22 4.71 13.43
C VAL A 184 12.56 5.28 13.89
N THR A 185 12.87 6.46 13.37
CA THR A 185 14.10 7.17 13.76
C THR A 185 13.72 8.44 14.51
N VAL A 186 14.15 8.47 15.75
CA VAL A 186 13.92 9.60 16.67
C VAL A 186 15.27 10.12 17.18
N PRO A 187 15.31 11.38 17.68
CA PRO A 187 16.52 11.92 18.31
C PRO A 187 16.83 11.06 19.54
N SER A 188 18.11 10.80 19.73
CA SER A 188 18.51 9.95 20.87
C SER A 188 18.14 10.44 22.27
N SER A 189 17.83 11.73 22.29
CA SER A 189 17.42 12.38 23.54
C SER A 189 15.94 12.14 23.81
N THR A 190 15.18 11.69 22.80
CA THR A 190 13.76 11.34 22.95
C THR A 190 13.61 9.93 23.52
N TRP A 191 14.50 9.03 23.13
CA TRP A 191 14.50 7.64 23.57
C TRP A 191 15.88 7.27 24.14
N PRO A 192 15.91 6.54 25.25
CA PRO A 192 14.73 6.06 26.01
C PRO A 192 14.16 7.12 26.97
N SER A 193 14.42 8.40 26.69
CA SER A 193 13.95 9.50 27.55
C SER A 193 12.44 9.45 27.79
N GLU A 194 11.69 9.51 26.69
CA GLU A 194 10.22 9.39 26.70
C GLU A 194 9.86 8.07 26.02
N THR A 195 8.68 7.58 26.37
CA THR A 195 8.17 6.28 25.87
C THR A 195 7.98 6.35 24.35
N VAL A 196 8.44 5.28 23.71
CA VAL A 196 8.12 5.00 22.30
C VAL A 196 7.41 3.65 22.25
N THR A 197 6.30 3.63 21.52
CA THR A 197 5.46 2.42 21.39
C THR A 197 5.00 2.29 19.95
N CYS A 198 4.89 1.04 19.52
CA CYS A 198 4.27 0.73 18.23
C CYS A 198 2.87 0.16 18.49
N ASN A 199 1.93 0.62 17.69
CA ASN A 199 0.51 0.23 17.82
C ASN A 199 0.12 -0.58 16.58
N VAL A 200 -0.18 -1.85 16.83
CA VAL A 200 -0.52 -2.78 15.75
C VAL A 200 -1.98 -3.21 15.90
N ALA A 201 -2.71 -3.00 14.81
CA ALA A 201 -4.12 -3.43 14.70
C ALA A 201 -4.27 -4.42 13.55
N HIS A 202 -4.83 -5.57 13.91
CA HIS A 202 -5.20 -6.63 12.96
C HIS A 202 -6.70 -6.91 13.14
N PRO A 203 -7.53 -6.07 12.50
CA PRO A 203 -9.00 -6.12 12.65
C PRO A 203 -9.63 -7.44 12.21
N ALA A 204 -8.94 -8.17 11.32
CA ALA A 204 -9.39 -9.50 10.87
C ALA A 204 -9.53 -10.50 12.04
N SER A 205 -8.66 -10.35 13.03
CA SER A 205 -8.73 -11.14 14.28
C SER A 205 -9.08 -10.30 15.50
N SER A 206 -9.47 -9.04 15.24
CA SER A 206 -9.78 -8.04 16.29
C SER A 206 -8.59 -7.78 17.23
N THR A 207 -7.39 -8.18 16.78
CA THR A 207 -6.14 -7.98 17.53
C THR A 207 -5.81 -6.49 17.51
N LYS A 208 -5.58 -5.99 18.71
CA LYS A 208 -5.05 -4.63 18.94
C LYS A 208 -4.08 -4.68 20.11
N VAL A 209 -2.80 -4.55 19.77
CA VAL A 209 -1.72 -4.63 20.76
C VAL A 209 -0.78 -3.44 20.65
N ASP A 210 -0.26 -3.02 21.80
CA ASP A 210 0.78 -1.98 21.87
C ASP A 210 2.01 -2.58 22.53
N LYS A 211 3.15 -2.32 21.91
CA LYS A 211 4.42 -2.84 22.42
C LYS A 211 5.40 -1.69 22.67
N LYS A 212 5.54 -1.34 23.95
CA LYS A 212 6.53 -0.33 24.35
C LYS A 212 7.94 -0.84 24.05
N ILE A 213 8.75 0.06 23.50
CA ILE A 213 10.17 -0.23 23.21
C ILE A 213 10.97 0.07 24.49
N VAL A 214 11.46 -1.01 25.09
CA VAL A 214 12.28 -0.92 26.31
C VAL A 214 13.70 -1.35 25.93
N PRO A 215 14.72 -0.58 26.37
CA PRO A 215 16.14 -0.89 26.12
C PRO A 215 16.53 -2.22 26.77
N ARG A 216 17.44 -2.90 26.09
CA ARG A 216 17.94 -4.22 26.51
C ARG A 216 18.88 -4.10 27.71
N ASP A 217 18.95 -5.18 28.47
CA ASP A 217 19.90 -5.31 29.60
C ASP A 217 21.25 -5.87 29.11
N PRO B 1 4.44 5.96 -21.35
CA PRO B 1 5.29 4.77 -21.14
C PRO B 1 4.73 4.02 -19.97
N HIS B 2 5.41 2.92 -19.55
CA HIS B 2 5.12 2.09 -18.32
C HIS B 2 5.92 2.44 -17.02
N SER B 3 6.93 3.36 -17.16
CA SER B 3 7.75 4.27 -16.35
C SER B 3 8.01 5.52 -15.84
N ALA B 4 8.54 6.53 -16.52
CA ALA B 4 8.57 7.90 -15.96
C ALA B 4 9.37 8.38 -14.78
N SER B 5 10.68 8.49 -14.97
CA SER B 5 11.56 9.02 -13.93
C SER B 5 12.00 10.43 -14.35
N GLY B 6 11.37 11.41 -13.72
CA GLY B 6 11.60 12.82 -14.05
C GLY B 6 12.12 13.56 -12.82
N PRO B 7 13.04 14.49 -13.08
CA PRO B 7 13.58 15.34 -12.00
C PRO B 7 12.66 16.55 -11.79
N PRO B 8 12.59 16.99 -10.53
CA PRO B 8 11.71 18.11 -10.18
C PRO B 8 12.05 19.33 -11.04
N ASP B 9 11.00 19.95 -11.57
CA ASP B 9 11.11 21.18 -12.37
C ASP B 9 10.99 20.87 -13.87
N GLN B 10 11.33 19.63 -14.24
CA GLN B 10 11.24 19.19 -15.63
C GLN B 10 9.81 18.74 -15.98
N THR B 11 9.50 18.84 -17.28
CA THR B 11 8.18 18.46 -17.80
C THR B 11 8.07 16.95 -17.96
N VAL B 12 6.82 16.47 -17.91
CA VAL B 12 6.51 15.05 -18.12
C VAL B 12 5.25 14.95 -18.99
N THR B 13 5.19 13.91 -19.80
CA THR B 13 4.02 13.68 -20.67
C THR B 13 3.64 12.20 -20.64
N ILE B 14 2.34 11.96 -20.59
CA ILE B 14 1.80 10.58 -20.60
C ILE B 14 0.82 10.49 -21.78
N SER B 15 0.92 9.39 -22.52
CA SER B 15 0.05 9.17 -23.69
C SER B 15 -0.93 8.04 -23.39
N CYS B 16 -2.12 8.16 -23.97
CA CYS B 16 -3.17 7.15 -23.84
C CYS B 16 -3.89 7.00 -25.17
N SER B 17 -4.02 5.75 -25.61
CA SER B 17 -4.72 5.45 -26.86
C SER B 17 -5.85 4.46 -26.59
N GLY B 18 -6.97 4.70 -27.29
CA GLY B 18 -8.15 3.83 -27.19
C GLY B 18 -8.37 3.17 -28.56
N SER B 19 -8.82 1.92 -28.49
CA SER B 19 -9.06 1.11 -29.70
C SER B 19 -10.24 1.68 -30.51
N SER B 20 -11.13 2.37 -29.82
CA SER B 20 -12.30 2.99 -30.47
C SER B 20 -12.39 4.46 -30.07
N SER B 21 -13.00 5.25 -30.95
CA SER B 21 -13.20 6.69 -30.69
C SER B 21 -14.03 6.85 -29.41
N ASN B 22 -13.61 7.80 -28.58
CA ASN B 22 -14.30 8.08 -27.31
C ASN B 22 -14.43 9.59 -27.10
N ILE B 23 -14.33 10.34 -28.19
CA ILE B 23 -14.50 11.79 -28.13
C ILE B 23 -15.97 12.16 -27.92
N GLU B 24 -16.84 11.25 -28.30
CA GLU B 24 -18.29 11.43 -28.18
C GLU B 24 -18.70 11.36 -26.71
N GLY B 25 -19.92 11.85 -26.44
CA GLY B 25 -20.45 11.90 -25.07
C GLY B 25 -19.46 12.71 -24.24
N ASN B 26 -18.93 12.07 -23.20
CA ASN B 26 -17.81 12.68 -22.49
C ASN B 26 -16.61 12.52 -23.43
N THR B 27 -15.74 11.55 -23.15
CA THR B 27 -15.50 10.97 -21.81
C THR B 27 -14.22 10.32 -21.64
N VAL B 28 -13.19 11.12 -21.52
CA VAL B 28 -11.86 10.59 -21.18
C VAL B 28 -11.35 11.35 -19.94
N ASN B 29 -11.06 10.59 -18.90
CA ASN B 29 -10.61 11.17 -17.63
C ASN B 29 -9.19 10.68 -17.31
N TRP B 30 -8.52 11.44 -16.46
CA TRP B 30 -7.20 11.05 -15.92
C TRP B 30 -7.25 11.05 -14.41
N TYR B 31 -6.74 9.95 -13.82
CA TYR B 31 -6.74 9.78 -12.36
C TYR B 31 -5.29 9.68 -11.88
N GLN B 32 -5.10 10.11 -10.64
CA GLN B 32 -3.79 9.99 -9.98
C GLN B 32 -3.98 9.28 -8.65
N GLN B 33 -3.21 8.22 -8.46
CA GLN B 33 -3.27 7.42 -7.24
C GLN B 33 -1.92 7.50 -6.52
N PHE B 34 -1.84 8.44 -5.59
CA PHE B 34 -0.64 8.62 -4.78
C PHE B 34 -0.47 7.41 -3.86
N PRO B 35 0.79 7.16 -3.49
CA PRO B 35 1.04 5.94 -2.71
C PRO B 35 0.16 5.93 -1.45
N GLY B 36 -0.44 4.77 -1.21
CA GLY B 36 -1.27 4.52 -0.01
C GLY B 36 -2.53 5.38 0.01
N LYS B 37 -2.99 5.80 -1.16
CA LYS B 37 -4.24 6.57 -1.27
C LYS B 37 -5.13 6.03 -2.39
N ALA B 38 -6.39 6.44 -2.34
CA ALA B 38 -7.38 6.06 -3.36
C ALA B 38 -7.20 6.92 -4.60
N PRO B 39 -7.64 6.40 -5.75
CA PRO B 39 -7.45 7.20 -6.96
C PRO B 39 -8.19 8.54 -6.82
N GLN B 40 -7.66 9.54 -7.48
CA GLN B 40 -8.25 10.89 -7.48
C GLN B 40 -8.25 11.43 -8.91
N LEU B 41 -9.39 11.93 -9.34
CA LEU B 41 -9.54 12.42 -10.72
C LEU B 41 -8.91 13.82 -10.82
N LEU B 42 -8.15 14.02 -11.88
CA LEU B 42 -7.45 15.29 -12.12
C LEU B 42 -8.10 15.97 -13.29
N ILE B 43 -8.41 15.24 -14.33
CA ILE B 43 -9.00 15.78 -15.56
C ILE B 43 -10.19 14.93 -16.02
N TYR B 44 -11.20 15.62 -16.51
CA TYR B 44 -12.39 14.98 -17.11
C TYR B 44 -12.73 15.72 -18.40
N GLY B 45 -13.45 15.03 -19.28
CA GLY B 45 -13.85 15.63 -20.56
C GLY B 45 -12.61 16.03 -21.36
N LYS B 46 -11.57 15.22 -21.23
CA LYS B 46 -10.31 15.39 -21.97
C LYS B 46 -9.41 16.49 -21.40
N ASP B 47 -9.91 17.70 -21.23
CA ASP B 47 -9.04 18.82 -20.84
C ASP B 47 -9.54 19.67 -19.67
N GLN B 48 -10.64 19.31 -19.04
CA GLN B 48 -11.14 20.11 -17.90
C GLN B 48 -10.48 19.65 -16.59
N ARG B 49 -9.88 20.61 -15.90
CA ARG B 49 -9.26 20.35 -14.59
C ARG B 49 -10.35 20.34 -13.51
N PRO B 50 -10.29 19.36 -12.62
CA PRO B 50 -11.04 19.18 -11.40
C PRO B 50 -10.58 20.22 -10.39
N SER B 51 -11.47 20.55 -9.46
CA SER B 51 -11.19 21.56 -8.43
C SER B 51 -9.96 21.13 -7.63
N GLY B 52 -9.05 22.08 -7.41
CA GLY B 52 -7.87 21.85 -6.55
C GLY B 52 -6.64 21.48 -7.37
N VAL B 53 -6.85 20.92 -8.55
CA VAL B 53 -5.75 20.48 -9.41
C VAL B 53 -4.99 21.71 -9.95
N PRO B 54 -3.66 21.62 -9.86
CA PRO B 54 -2.78 22.76 -10.21
C PRO B 54 -2.79 23.02 -11.71
N ASP B 55 -2.56 24.28 -12.05
CA ASP B 55 -2.46 24.75 -13.41
C ASP B 55 -1.44 24.03 -14.25
N ARG B 56 -0.54 23.38 -13.52
CA ARG B 56 0.59 22.68 -14.16
C ARG B 56 0.11 21.55 -15.07
N PHE B 57 -1.06 21.00 -14.75
CA PHE B 57 -1.62 19.88 -15.51
C PHE B 57 -2.43 20.39 -16.70
N SER B 58 -2.24 19.73 -17.83
CA SER B 58 -2.98 20.05 -19.05
C SER B 58 -3.30 18.75 -19.79
N ALA B 59 -4.54 18.64 -20.23
CA ALA B 59 -4.98 17.45 -20.97
C ALA B 59 -5.47 17.88 -22.36
N SER B 60 -5.12 17.07 -23.34
CA SER B 60 -5.53 17.32 -24.73
C SER B 60 -5.68 16.01 -25.44
N LYS B 61 -6.00 16.06 -26.74
CA LYS B 61 -6.22 14.86 -27.55
C LYS B 61 -7.62 14.89 -28.15
N SER B 62 -7.91 13.88 -28.96
CA SER B 62 -9.21 13.77 -29.65
C SER B 62 -9.30 12.41 -30.34
N GLY B 63 -10.53 11.94 -30.47
CA GLY B 63 -10.81 10.65 -31.12
C GLY B 63 -10.26 9.48 -30.32
N THR B 64 -9.04 9.06 -30.67
CA THR B 64 -8.44 7.87 -30.05
C THR B 64 -7.10 8.15 -29.37
N SER B 65 -6.55 9.34 -29.56
CA SER B 65 -5.26 9.69 -28.96
C SER B 65 -5.40 10.83 -27.96
N ALA B 66 -4.88 10.59 -26.76
CA ALA B 66 -4.90 11.45 -25.62
C ALA B 66 -3.58 11.72 -24.98
N SER B 67 -3.34 12.92 -24.50
CA SER B 67 -2.08 13.19 -23.76
C SER B 67 -2.32 14.03 -22.51
N LEU B 68 -1.60 13.65 -21.46
CA LEU B 68 -1.59 14.36 -20.18
C LEU B 68 -0.19 14.95 -20.00
N THR B 69 -0.13 16.27 -19.87
CA THR B 69 1.17 16.96 -19.73
C THR B 69 1.26 17.70 -18.39
N ILE B 70 2.45 17.63 -17.83
CA ILE B 70 2.79 18.34 -16.58
C ILE B 70 3.98 19.23 -16.91
N SER B 71 3.72 20.53 -17.02
CA SER B 71 4.75 21.49 -17.45
C SER B 71 5.96 21.49 -16.49
N GLY B 72 5.69 21.33 -15.20
CA GLY B 72 6.74 21.32 -14.18
C GLY B 72 6.39 20.34 -13.06
N LEU B 73 7.17 19.26 -12.98
CA LEU B 73 6.93 18.20 -12.00
C LEU B 73 7.39 18.64 -10.60
N GLN B 74 6.54 18.35 -9.62
CA GLN B 74 6.81 18.61 -8.20
C GLN B 74 6.74 17.27 -7.45
N ALA B 75 7.35 17.24 -6.27
CA ALA B 75 7.47 15.99 -5.49
C ALA B 75 6.11 15.33 -5.25
N GLU B 76 5.08 16.16 -5.06
CA GLU B 76 3.73 15.66 -4.75
C GLU B 76 3.09 14.95 -5.93
N ASP B 77 3.67 15.06 -7.11
CA ASP B 77 3.12 14.46 -8.33
C ASP B 77 3.32 12.95 -8.43
N GLU B 78 4.30 12.41 -7.70
CA GLU B 78 4.64 10.99 -7.80
C GLU B 78 3.43 10.11 -7.47
N ALA B 79 3.36 8.98 -8.17
CA ALA B 79 2.31 7.98 -7.98
C ALA B 79 2.00 7.30 -9.32
N ASP B 80 0.78 6.80 -9.42
CA ASP B 80 0.28 6.16 -10.52
C ASP B 80 -0.81 6.89 -11.32
N TYR B 81 -0.61 7.31 -12.55
CA TYR B 81 -1.59 7.95 -13.39
C TYR B 81 -2.34 6.93 -14.24
N TYR B 82 -3.65 7.07 -14.26
CA TYR B 82 -4.50 6.17 -15.06
C TYR B 82 -5.32 6.99 -16.06
N CYS B 83 -5.57 6.32 -17.18
CA CYS B 83 -6.43 6.84 -18.25
C CYS B 83 -7.72 6.04 -18.14
N ALA B 84 -8.85 6.68 -18.45
CA ALA B 84 -10.15 6.02 -18.28
C ALA B 84 -11.23 6.70 -19.10
N ALA B 85 -12.23 5.90 -19.45
CA ALA B 85 -13.39 6.39 -20.21
C ALA B 85 -14.61 6.38 -19.31
N TRP B 86 -15.79 6.53 -19.93
CA TRP B 86 -17.04 6.57 -19.18
C TRP B 86 -17.72 5.21 -19.26
N ASP B 87 -18.25 4.78 -18.12
CA ASP B 87 -18.92 3.48 -18.03
C ASP B 87 -20.14 3.44 -18.94
N ASP B 88 -20.67 4.64 -19.19
CA ASP B 88 -21.84 4.79 -20.09
C ASP B 88 -21.41 5.39 -21.44
N SER B 89 -20.08 5.43 -21.68
CA SER B 89 -19.59 6.01 -22.93
C SER B 89 -19.47 4.84 -23.88
N LEU B 90 -18.34 4.13 -23.87
CA LEU B 90 -18.41 2.71 -24.26
C LEU B 90 -18.53 1.89 -22.97
N ASN B 91 -19.51 1.00 -23.01
CA ASN B 91 -19.81 0.14 -21.87
C ASN B 91 -19.18 -1.24 -22.14
N GLY B 92 -18.49 -1.77 -21.14
CA GLY B 92 -18.36 -1.12 -19.82
C GLY B 92 -17.12 -0.24 -19.76
N TRP B 93 -17.08 0.61 -18.74
CA TRP B 93 -15.96 1.54 -18.52
C TRP B 93 -14.67 0.74 -18.32
N VAL B 94 -13.60 1.22 -18.95
CA VAL B 94 -12.29 0.55 -18.86
C VAL B 94 -11.18 1.57 -18.52
N PHE B 95 -10.13 1.06 -17.90
CA PHE B 95 -8.98 1.88 -17.49
C PHE B 95 -7.72 1.42 -18.24
N GLY B 96 -6.82 2.37 -18.43
CA GLY B 96 -5.48 2.10 -18.98
C GLY B 96 -4.67 1.30 -17.95
N GLY B 97 -3.55 0.76 -18.41
CA GLY B 97 -2.66 -0.07 -17.58
C GLY B 97 -2.10 0.75 -16.43
N GLY B 98 -0.82 0.51 -16.14
CA GLY B 98 -0.18 1.18 -15.00
C GLY B 98 0.54 2.43 -15.48
N THR B 99 0.28 3.54 -14.79
CA THR B 99 1.02 4.77 -15.08
C THR B 99 2.48 4.38 -14.98
N LYS B 100 3.01 4.30 -16.14
CA LYS B 100 4.08 4.12 -16.31
C LYS B 100 5.14 3.97 -14.95
N LEU B 101 4.92 3.10 -13.96
CA LEU B 101 5.64 2.98 -12.73
C LEU B 101 5.53 1.56 -12.23
N THR B 102 6.69 0.91 -12.06
CA THR B 102 6.79 -0.48 -11.55
C THR B 102 8.22 -0.76 -11.10
N VAL B 103 8.42 -1.36 -9.91
CA VAL B 103 9.79 -1.53 -9.36
C VAL B 103 10.01 -2.55 -8.21
N LEU B 104 11.10 -2.34 -7.46
CA LEU B 104 11.66 -3.29 -6.47
C LEU B 104 12.15 -2.86 -5.09
N GLY B 105 12.85 -3.73 -4.60
CA GLY B 105 13.38 -3.39 -4.01
C GLY B 105 13.62 -2.81 -1.34
N ALA B 106 13.86 -3.99 -0.68
CA ALA B 106 13.49 -4.19 0.31
C ALA B 106 14.48 -4.67 1.75
N PRO B 107 15.74 -4.02 2.59
CA PRO B 107 16.35 -4.00 3.64
C PRO B 107 16.29 -2.95 4.69
N THR B 108 16.88 -3.26 5.71
CA THR B 108 17.06 -2.73 6.50
C THR B 108 19.02 -2.34 6.66
N VAL B 109 19.66 -1.24 6.81
CA VAL B 109 20.78 -0.67 7.36
C VAL B 109 20.92 0.05 8.72
N SER B 110 21.04 -0.92 9.60
CA SER B 110 20.99 -0.93 11.07
C SER B 110 20.58 -2.39 11.26
N ILE B 111 21.22 -3.13 12.14
CA ILE B 111 20.88 -4.56 12.28
C ILE B 111 20.39 -4.85 13.70
N PHE B 112 19.42 -5.74 13.80
CA PHE B 112 18.82 -6.11 15.08
C PHE B 112 18.88 -7.63 15.29
N PRO B 113 19.23 -8.01 16.51
CA PRO B 113 19.23 -9.42 16.93
C PRO B 113 17.82 -9.80 17.37
N PRO B 114 17.59 -11.11 17.48
CA PRO B 114 16.22 -11.47 17.89
C PRO B 114 15.97 -11.03 19.33
N SER B 115 14.74 -10.60 19.59
CA SER B 115 14.32 -10.21 20.95
C SER B 115 14.18 -11.47 21.81
N SER B 116 14.39 -11.30 23.11
CA SER B 116 14.27 -12.43 24.06
C SER B 116 12.86 -13.02 23.99
N GLU B 117 11.88 -12.15 23.77
CA GLU B 117 10.47 -12.57 23.73
C GLU B 117 10.24 -13.58 22.61
N GLN B 118 10.89 -13.36 21.47
CA GLN B 118 10.72 -14.26 20.32
C GLN B 118 11.43 -15.59 20.53
N LEU B 119 12.65 -15.51 21.06
CA LEU B 119 13.44 -16.71 21.34
C LEU B 119 12.65 -17.71 22.19
N THR B 120 11.78 -17.17 23.04
CA THR B 120 10.96 -18.00 23.92
C THR B 120 9.94 -18.82 23.12
N SER B 121 9.51 -18.29 21.99
CA SER B 121 8.51 -18.96 21.15
C SER B 121 9.14 -20.11 20.35
N GLY B 122 10.47 -20.08 20.27
CA GLY B 122 11.23 -21.14 19.59
C GLY B 122 11.61 -20.69 18.18
N GLY B 123 11.54 -19.37 17.97
CA GLY B 123 11.85 -18.75 16.68
C GLY B 123 12.93 -17.68 16.88
N ALA B 124 13.50 -17.24 15.77
CA ALA B 124 14.56 -16.22 15.80
C ALA B 124 14.61 -15.48 14.46
N SER B 125 14.29 -14.19 14.53
CA SER B 125 14.30 -13.33 13.33
C SER B 125 15.35 -12.25 13.52
N VAL B 126 16.22 -12.12 12.52
CA VAL B 126 17.25 -11.08 12.51
C VAL B 126 16.78 -10.06 11.47
N VAL B 127 16.78 -8.79 11.87
CA VAL B 127 16.24 -7.73 11.01
C VAL B 127 17.32 -6.73 10.65
N CYS B 128 17.27 -6.37 9.39
CA CYS B 128 18.41 -5.67 8.70
C CYS B 128 17.90 -4.49 7.64
N PHE B 129 18.08 -2.68 8.46
CA PHE B 129 17.15 -1.08 8.23
C PHE B 129 17.52 -0.72 6.93
N LEU B 130 17.50 -0.52 5.77
CA LEU B 130 18.27 0.16 4.83
C LEU B 130 17.35 1.32 4.49
N ASN B 131 17.57 2.44 5.16
CA ASN B 131 16.66 3.59 5.04
C ASN B 131 17.22 4.75 4.21
N ASN B 132 16.27 5.44 3.58
CA ASN B 132 16.50 6.69 2.84
C ASN B 132 17.67 6.57 1.84
N PHE B 133 17.49 5.76 0.81
CA PHE B 133 18.51 5.61 -0.24
C PHE B 133 17.90 5.80 -1.62
N TYR B 134 18.77 6.06 -2.59
CA TYR B 134 18.38 6.25 -3.98
C TYR B 134 19.63 6.04 -4.85
N PRO B 135 19.43 5.38 -5.98
CA PRO B 135 18.24 4.77 -6.60
C PRO B 135 17.74 3.56 -5.80
N LYS B 136 16.56 3.11 -6.21
CA LYS B 136 15.84 2.00 -5.55
C LYS B 136 16.63 0.69 -5.63
N ASP B 137 17.39 0.52 -6.70
CA ASP B 137 18.16 -0.71 -6.91
C ASP B 137 19.19 -0.88 -5.78
N ILE B 138 19.15 -2.06 -5.17
CA ILE B 138 20.08 -2.40 -4.08
C ILE B 138 20.05 -3.91 -3.87
N ASN B 139 21.19 -4.44 -3.45
CA ASN B 139 21.35 -5.88 -3.22
C ASN B 139 21.77 -6.12 -1.78
N VAL B 140 20.99 -6.93 -1.08
CA VAL B 140 21.27 -7.26 0.33
C VAL B 140 21.57 -8.76 0.41
N LYS B 141 22.66 -9.08 1.10
CA LYS B 141 23.05 -10.47 1.35
C LYS B 141 23.15 -10.71 2.86
N TRP B 142 22.78 -11.92 3.26
CA TRP B 142 22.91 -12.34 4.66
C TRP B 142 23.99 -13.41 4.74
N LYS B 143 24.86 -13.25 5.73
CA LYS B 143 25.91 -14.23 6.02
C LYS B 143 25.78 -14.69 7.47
N ILE B 144 25.75 -16.00 7.63
CA ILE B 144 25.71 -16.64 8.96
C ILE B 144 27.01 -17.42 9.11
N ASP B 145 27.90 -16.90 9.97
CA ASP B 145 29.24 -17.47 10.13
C ASP B 145 30.00 -17.42 8.80
N GLY B 146 29.77 -16.34 8.05
CA GLY B 146 30.51 -16.09 6.81
C GLY B 146 29.84 -16.71 5.58
N SER B 147 28.91 -17.62 5.81
CA SER B 147 28.25 -18.33 4.69
C SER B 147 26.98 -17.59 4.29
N GLU B 148 26.82 -17.38 2.98
CA GLU B 148 25.65 -16.67 2.45
C GLU B 148 24.39 -17.54 2.61
N ARG B 149 23.30 -16.89 2.99
CA ARG B 149 22.01 -17.56 3.19
C ARG B 149 20.95 -16.92 2.29
N GLN B 150 20.29 -17.76 1.50
CA GLN B 150 19.23 -17.31 0.60
C GLN B 150 17.86 -17.67 1.16
N ASN B 151 17.81 -18.83 1.81
CA ASN B 151 16.56 -19.38 2.35
C ASN B 151 16.10 -18.60 3.58
N GLY B 152 14.79 -18.33 3.61
CA GLY B 152 14.13 -17.72 4.78
C GLY B 152 14.40 -16.22 4.91
N VAL B 153 14.64 -15.56 3.79
CA VAL B 153 14.82 -14.10 3.80
C VAL B 153 13.60 -13.44 3.15
N LEU B 154 13.04 -12.46 3.86
CA LEU B 154 11.90 -11.68 3.37
C LEU B 154 12.33 -10.22 3.20
N ASN B 155 12.21 -9.73 1.97
CA ASN B 155 12.55 -8.34 1.66
C ASN B 155 11.29 -7.56 1.32
N SER B 156 11.32 -6.28 1.63
CA SER B 156 10.15 -5.41 1.39
C SER B 156 10.39 -3.92 1.36
N TRP B 157 10.13 -3.29 0.21
CA TRP B 157 10.47 -1.87 -0.07
C TRP B 157 9.24 -1.02 0.18
N THR B 158 9.50 0.23 0.53
CA THR B 158 8.45 1.25 0.66
C THR B 158 8.38 1.98 -0.67
N ASP B 159 7.22 2.55 -0.96
CA ASP B 159 7.09 3.41 -2.15
C ASP B 159 8.00 4.63 -1.94
N GLN B 160 8.27 5.33 -3.02
CA GLN B 160 9.11 6.53 -2.95
C GLN B 160 8.45 7.55 -2.02
N ASP B 161 9.26 8.07 -1.10
CA ASP B 161 8.78 9.05 -0.10
C ASP B 161 8.64 10.42 -0.77
N SER B 162 7.46 11.01 -0.60
CA SER B 162 7.16 12.32 -1.19
C SER B 162 7.94 13.47 -0.52
N LYS B 163 8.46 13.22 0.67
CA LYS B 163 9.19 14.27 1.41
C LYS B 163 10.66 14.41 0.98
N ASP B 164 11.30 13.30 0.63
CA ASP B 164 12.72 13.34 0.25
C ASP B 164 13.01 12.53 -1.01
N SER B 165 11.98 11.88 -1.54
CA SER B 165 12.08 11.10 -2.78
C SER B 165 13.05 9.92 -2.66
N THR B 166 13.22 9.40 -1.45
CA THR B 166 14.09 8.23 -1.25
C THR B 166 13.23 6.99 -0.99
N TYR B 167 13.90 5.85 -1.01
CA TYR B 167 13.28 4.55 -0.71
C TYR B 167 13.93 3.99 0.55
N SER B 168 13.20 3.09 1.20
CA SER B 168 13.71 2.36 2.37
C SER B 168 13.36 0.89 2.21
N MET B 169 14.22 0.04 2.74
CA MET B 169 13.98 -1.39 2.64
C MET B 169 14.07 -2.12 3.94
N SER B 170 13.41 -3.21 4.09
CA SER B 170 13.49 -4.06 5.28
C SER B 170 13.81 -5.49 4.84
N SER B 171 14.80 -6.08 5.49
CA SER B 171 15.21 -7.45 5.20
C SER B 171 15.21 -8.26 6.50
N THR B 172 14.42 -9.33 6.51
CA THR B 172 14.30 -10.18 7.70
C THR B 172 14.77 -11.60 7.38
N LEU B 173 15.63 -12.10 8.25
CA LEU B 173 16.14 -13.48 8.18
C LEU B 173 15.56 -14.26 9.37
N THR B 174 14.74 -15.24 9.06
CA THR B 174 14.06 -16.03 10.10
C THR B 174 14.61 -17.45 10.15
N LEU B 175 15.04 -17.82 11.35
CA LEU B 175 15.60 -19.15 11.65
C LEU B 175 14.87 -19.73 12.85
N THR B 176 15.00 -21.03 13.04
CA THR B 176 14.52 -21.68 14.27
C THR B 176 15.49 -21.30 15.39
N LYS B 177 14.99 -21.33 16.63
CA LYS B 177 15.83 -21.01 17.79
C LYS B 177 17.07 -21.90 17.81
N ASP B 178 16.88 -23.16 17.41
CA ASP B 178 17.96 -24.16 17.44
C ASP B 178 19.09 -23.84 16.45
N GLU B 179 18.72 -23.32 15.28
CA GLU B 179 19.74 -23.06 14.25
C GLU B 179 20.45 -21.74 14.55
N TYR B 180 19.69 -20.81 15.11
CA TYR B 180 20.23 -19.49 15.48
C TYR B 180 21.33 -19.65 16.53
N GLU B 181 21.17 -20.64 17.40
CA GLU B 181 22.10 -20.87 18.51
C GLU B 181 23.30 -21.73 18.13
N ARG B 182 23.33 -22.22 16.91
CA ARG B 182 24.44 -23.06 16.43
C ARG B 182 25.44 -22.22 15.63
N HIS B 183 25.19 -20.92 15.56
CA HIS B 183 26.06 -19.98 14.83
C HIS B 183 26.41 -18.78 15.71
N ASN B 184 27.44 -18.05 15.32
CA ASN B 184 27.94 -16.93 16.14
C ASN B 184 27.74 -15.56 15.47
N SER B 185 28.22 -15.42 14.23
CA SER B 185 28.13 -14.11 13.56
C SER B 185 27.01 -14.07 12.53
N TYR B 186 26.28 -12.97 12.57
CA TYR B 186 25.18 -12.68 11.63
C TYR B 186 25.47 -11.33 10.96
N THR B 187 25.53 -11.35 9.65
CA THR B 187 25.89 -10.14 8.88
C THR B 187 24.83 -9.78 7.84
N CYS B 188 24.60 -8.49 7.74
CA CYS B 188 23.73 -7.89 6.71
C CYS B 188 24.65 -7.08 5.80
N GLU B 189 24.64 -7.42 4.52
CA GLU B 189 25.57 -6.79 3.57
C GLU B 189 24.79 -6.16 2.43
N ALA B 190 25.03 -4.87 2.23
CA ALA B 190 24.29 -4.10 1.21
C ALA B 190 25.23 -3.61 0.12
N THR B 191 24.83 -3.88 -1.11
CA THR B 191 25.55 -3.41 -2.30
C THR B 191 24.65 -2.38 -3.00
N HIS B 192 25.19 -1.18 -3.12
CA HIS B 192 24.44 -0.05 -3.70
C HIS B 192 25.44 0.81 -4.46
N LYS B 193 24.96 1.50 -5.50
CA LYS B 193 25.87 2.26 -6.38
C LYS B 193 26.60 3.39 -5.63
N THR B 194 26.06 3.82 -4.50
CA THR B 194 26.66 4.92 -3.72
C THR B 194 28.00 4.56 -3.06
N SER B 195 28.32 3.27 -2.96
CA SER B 195 29.59 2.87 -2.34
C SER B 195 30.29 1.78 -3.17
N THR B 196 31.60 1.97 -3.33
CA THR B 196 32.43 1.04 -4.12
C THR B 196 32.47 -0.34 -3.43
N SER B 197 32.53 -0.31 -2.11
CA SER B 197 32.51 -1.53 -1.30
C SER B 197 31.15 -1.65 -0.61
N PRO B 198 30.71 -2.89 -0.45
CA PRO B 198 29.40 -3.08 0.21
C PRO B 198 29.46 -2.58 1.66
N ILE B 199 28.32 -2.08 2.12
CA ILE B 199 28.17 -1.61 3.51
C ILE B 199 27.79 -2.81 4.38
N VAL B 200 28.53 -3.00 5.46
CA VAL B 200 28.33 -4.18 6.32
C VAL B 200 27.98 -3.78 7.75
N LYS B 201 27.00 -4.49 8.27
CA LYS B 201 26.58 -4.41 9.68
C LYS B 201 26.44 -5.85 10.18
N SER B 202 26.93 -6.11 11.38
CA SER B 202 26.85 -7.46 11.95
C SER B 202 26.96 -7.41 13.48
N PHE B 203 26.69 -8.58 14.07
CA PHE B 203 26.79 -8.77 15.52
C PHE B 203 27.08 -10.25 15.76
N ASN B 204 27.76 -10.52 16.88
CA ASN B 204 28.11 -11.89 17.25
C ASN B 204 27.43 -12.24 18.57
N ARG B 205 26.92 -13.45 18.67
CA ARG B 205 26.31 -13.90 19.93
C ARG B 205 27.40 -14.11 20.99
#